data_3IJ9
#
_entry.id   3IJ9
#
_cell.length_a   52.380
_cell.length_b   68.000
_cell.length_c   129.950
_cell.angle_alpha   90.00
_cell.angle_beta   90.00
_cell.angle_gamma   90.00
#
_symmetry.space_group_name_H-M   'P 21 21 21'
#
loop_
_entity.id
_entity.type
_entity.pdbx_description
1 polymer 'Pancreatic alpha-amylase'
2 branched beta-D-glucopyranose-(1-2)-5-fluoro-alpha-L-idopyranose
3 non-polymer (2R,3S,4R,5R,6R)-2,6-difluoro-2-(hydroxymethyl)tetrahydro-2H-pyran-3,4,5-triol
4 non-polymer 'CALCIUM ION'
5 non-polymer 'CHLORIDE ION'
6 water water
#
_entity_poly.entity_id   1
_entity_poly.type   'polypeptide(L)'
_entity_poly.pdbx_seq_one_letter_code
;(PCA)YSPNTQQGRTSIVHLFEWRWVDIALECERYLAPKGFGGVQVSPPNENVAIYNPFRPWWERYQPVSYKLCTRSGNE
DEFRNMVTRCNNVGVRIYVDAVINHMCGNAVSAGTSSTCGSYFNPGSRDFPAVPYSGWDFNDGKCKTGSGDIENYNDATQ
VRDCRLTGLLDLALEKDYVRSKIAEYMNHLIDIGVAGFRLDASKHMWPGDIKAILDKLHNLNSNWFPAGSKPFIYQEVID
LGGEPIKSSDYFGNGRVTEFKYGAKLGTVIRKWNGEKMSYLKNWGEGWGFVPSDRALVFVDNHDNQRGHGAGGASILTFW
DARLYKMAVGFMLAHPYGFTRVMSSYRWPRQFQNGNDVNDWVGPPNNNGVIKEVTINPDTTCGNDWVCEHRWRQIRNMVI
FRNVVDGQPFTNWYDNGSNQVAFGRGNRGFIVFNNDDWSFSLTLQTGLPAGTYCDVISGDKINGNCTGIKIYVSDDGKAH
FSISNSAEDPFIAIHAESKL
;
_entity_poly.pdbx_strand_id   A
#
# COMPACT_ATOMS: atom_id res chain seq x y z
N TYR A 2 1.72 8.51 -13.90
CA TYR A 2 2.14 9.08 -12.63
C TYR A 2 0.94 9.54 -11.81
N SER A 3 -0.16 9.83 -12.50
CA SER A 3 -1.38 10.27 -11.81
C SER A 3 -2.22 9.07 -11.39
N PRO A 4 -2.67 9.06 -10.13
CA PRO A 4 -3.49 7.98 -9.57
C PRO A 4 -4.84 7.77 -10.26
N ASN A 5 -5.33 8.80 -10.94
CA ASN A 5 -6.60 8.73 -11.62
C ASN A 5 -7.76 8.63 -10.64
N THR A 6 -7.55 9.11 -9.42
CA THR A 6 -8.61 9.10 -8.43
C THR A 6 -9.54 10.29 -8.66
N GLN A 7 -10.72 10.26 -8.05
CA GLN A 7 -11.63 11.38 -8.21
C GLN A 7 -11.07 12.60 -7.52
N GLN A 8 -11.24 13.77 -8.11
CA GLN A 8 -10.74 14.99 -7.48
C GLN A 8 -11.19 15.05 -6.04
N GLY A 9 -10.27 15.28 -5.12
CA GLY A 9 -10.65 15.35 -3.71
C GLY A 9 -10.30 14.10 -2.93
N ARG A 10 -10.08 12.98 -3.62
CA ARG A 10 -9.70 11.72 -2.96
C ARG A 10 -8.20 11.51 -3.15
N THR A 11 -7.46 11.49 -2.04
CA THR A 11 -6.01 11.47 -2.09
C THR A 11 -5.33 10.20 -1.55
N SER A 12 -6.06 9.13 -1.26
CA SER A 12 -5.39 7.93 -0.75
C SER A 12 -5.99 6.66 -1.30
N ILE A 13 -5.20 5.59 -1.29
CA ILE A 13 -5.70 4.28 -1.68
C ILE A 13 -5.50 3.32 -0.51
N VAL A 14 -6.32 2.29 -0.41
CA VAL A 14 -6.19 1.35 0.67
C VAL A 14 -5.92 -0.05 0.14
N HIS A 15 -5.02 -0.76 0.79
CA HIS A 15 -4.71 -2.12 0.39
C HIS A 15 -5.60 -3.10 1.12
N LEU A 16 -6.65 -3.58 0.44
CA LEU A 16 -7.53 -4.57 1.04
C LEU A 16 -6.96 -5.95 0.79
N PHE A 17 -5.87 -6.21 1.52
CA PHE A 17 -5.05 -7.42 1.47
C PHE A 17 -5.86 -8.70 1.65
N GLU A 18 -5.89 -9.51 0.59
CA GLU A 18 -6.55 -10.82 0.54
C GLU A 18 -8.07 -10.73 0.64
N TRP A 19 -8.63 -9.56 0.45
CA TRP A 19 -10.09 -9.43 0.51
C TRP A 19 -10.74 -10.07 -0.70
N ARG A 20 -11.95 -10.58 -0.52
CA ARG A 20 -12.72 -11.16 -1.62
C ARG A 20 -13.33 -10.04 -2.45
N TRP A 21 -13.53 -10.27 -3.74
CA TRP A 21 -14.08 -9.25 -4.62
C TRP A 21 -15.46 -8.77 -4.14
N VAL A 22 -16.33 -9.70 -3.76
CA VAL A 22 -17.66 -9.31 -3.31
C VAL A 22 -17.58 -8.40 -2.09
N ASP A 23 -16.64 -8.68 -1.20
CA ASP A 23 -16.47 -7.88 0.01
C ASP A 23 -15.95 -6.49 -0.33
N ILE A 24 -15.05 -6.41 -1.30
CA ILE A 24 -14.51 -5.11 -1.70
C ILE A 24 -15.59 -4.25 -2.34
N ALA A 25 -16.40 -4.87 -3.20
CA ALA A 25 -17.48 -4.14 -3.86
C ALA A 25 -18.41 -3.50 -2.84
N LEU A 26 -18.74 -4.27 -1.80
CA LEU A 26 -19.60 -3.76 -0.73
C LEU A 26 -18.91 -2.63 0.03
N GLU A 27 -17.64 -2.85 0.36
CA GLU A 27 -16.88 -1.85 1.08
C GLU A 27 -16.81 -0.54 0.30
N CYS A 28 -16.71 -0.64 -1.02
CA CYS A 28 -16.67 0.56 -1.85
C CYS A 28 -17.92 1.41 -1.67
N GLU A 29 -19.07 0.76 -1.71
CA GLU A 29 -20.35 1.43 -1.61
C GLU A 29 -20.72 1.86 -0.19
N ARG A 30 -20.45 1.01 0.79
CA ARG A 30 -20.84 1.29 2.17
C ARG A 30 -19.83 2.12 2.97
N TYR A 31 -18.55 2.15 2.57
CA TYR A 31 -17.60 2.88 3.40
C TYR A 31 -16.61 3.75 2.62
N LEU A 32 -15.89 3.14 1.69
CA LEU A 32 -14.86 3.83 0.94
C LEU A 32 -15.36 5.08 0.22
N ALA A 33 -16.47 4.97 -0.49
CA ALA A 33 -17.00 6.14 -1.20
C ALA A 33 -17.45 7.22 -0.23
N PRO A 34 -18.32 6.89 0.74
CA PRO A 34 -18.78 7.90 1.69
C PRO A 34 -17.67 8.56 2.51
N LYS A 35 -16.62 7.80 2.78
CA LYS A 35 -15.50 8.27 3.60
C LYS A 35 -14.40 8.96 2.78
N GLY A 36 -14.59 9.07 1.47
CA GLY A 36 -13.59 9.75 0.65
C GLY A 36 -12.33 9.01 0.25
N PHE A 37 -12.32 7.68 0.32
CA PHE A 37 -11.14 6.93 -0.10
C PHE A 37 -11.00 6.98 -1.61
N GLY A 38 -9.77 7.15 -2.09
CA GLY A 38 -9.53 7.24 -3.52
C GLY A 38 -9.59 5.94 -4.29
N GLY A 39 -9.06 4.86 -3.72
CA GLY A 39 -9.07 3.61 -4.44
C GLY A 39 -8.65 2.43 -3.60
N VAL A 40 -8.58 1.27 -4.23
CA VAL A 40 -8.24 0.06 -3.53
C VAL A 40 -7.19 -0.76 -4.27
N GLN A 41 -6.14 -1.15 -3.57
CA GLN A 41 -5.17 -2.06 -4.15
C GLN A 41 -5.64 -3.47 -3.84
N VAL A 42 -5.90 -4.26 -4.87
CA VAL A 42 -6.38 -5.61 -4.67
C VAL A 42 -5.25 -6.63 -4.77
N SER A 43 -5.44 -7.79 -4.16
CA SER A 43 -4.44 -8.83 -4.27
C SER A 43 -4.42 -9.36 -5.70
N PRO A 44 -3.34 -10.04 -6.10
CA PRO A 44 -3.29 -10.56 -7.48
C PRO A 44 -4.58 -11.28 -7.89
N PRO A 45 -5.22 -10.81 -8.96
CA PRO A 45 -6.47 -11.42 -9.46
C PRO A 45 -6.31 -12.61 -10.40
N ASN A 46 -5.07 -12.90 -10.78
CA ASN A 46 -4.78 -14.00 -11.70
C ASN A 46 -4.53 -15.32 -10.96
N GLU A 47 -4.85 -16.42 -11.63
CA GLU A 47 -4.70 -17.78 -11.09
C GLU A 47 -3.31 -18.02 -10.54
N ASN A 48 -3.24 -18.61 -9.35
CA ASN A 48 -1.97 -18.90 -8.71
C ASN A 48 -1.91 -20.36 -8.23
N VAL A 49 -0.74 -20.76 -7.77
CA VAL A 49 -0.56 -22.11 -7.28
C VAL A 49 -1.26 -22.29 -5.94
N ALA A 50 -1.98 -23.40 -5.81
CA ALA A 50 -2.61 -23.70 -4.53
C ALA A 50 -1.62 -24.49 -3.70
N ILE A 51 -1.10 -23.86 -2.64
CA ILE A 51 -0.11 -24.49 -1.78
C ILE A 51 -0.74 -24.99 -0.49
N TYR A 52 -0.55 -26.27 -0.19
CA TYR A 52 -1.14 -26.87 1.00
C TYR A 52 -0.10 -27.11 2.09
N ASN A 53 1.17 -26.93 1.75
CA ASN A 53 2.25 -27.07 2.72
C ASN A 53 3.21 -25.89 2.61
N PRO A 54 3.05 -24.87 3.47
CA PRO A 54 2.03 -24.74 4.52
C PRO A 54 0.63 -24.58 3.94
N PHE A 55 -0.39 -24.53 4.81
CA PHE A 55 -1.77 -24.46 4.36
C PHE A 55 -2.17 -23.07 3.84
N ARG A 56 -2.34 -23.00 2.52
CA ARG A 56 -2.77 -21.80 1.81
C ARG A 56 -2.13 -20.52 2.34
N PRO A 57 -0.80 -20.39 2.19
CA PRO A 57 -0.10 -19.19 2.66
C PRO A 57 -0.48 -17.97 1.82
N TRP A 58 -0.36 -16.77 2.38
CA TRP A 58 -0.69 -15.58 1.61
C TRP A 58 0.21 -15.46 0.38
N TRP A 59 1.48 -15.88 0.52
CA TRP A 59 2.44 -15.74 -0.58
C TRP A 59 2.17 -16.69 -1.75
N GLU A 60 1.23 -17.62 -1.63
CA GLU A 60 0.95 -18.49 -2.78
C GLU A 60 0.41 -17.67 -3.95
N ARG A 61 -0.18 -16.51 -3.64
CA ARG A 61 -0.77 -15.66 -4.67
C ARG A 61 0.30 -14.93 -5.49
N TYR A 62 1.55 -15.04 -5.08
CA TYR A 62 2.61 -14.40 -5.85
C TYR A 62 3.37 -15.42 -6.70
N GLN A 63 2.72 -16.56 -6.90
CA GLN A 63 3.24 -17.62 -7.75
C GLN A 63 2.22 -17.94 -8.83
N PRO A 64 2.19 -17.15 -9.91
CA PRO A 64 1.26 -17.31 -11.02
C PRO A 64 1.28 -18.64 -11.77
N VAL A 65 0.09 -19.07 -12.18
CA VAL A 65 -0.08 -20.29 -12.97
C VAL A 65 -0.62 -19.92 -14.35
N SER A 66 -1.45 -18.89 -14.37
CA SER A 66 -2.05 -18.36 -15.60
C SER A 66 -2.56 -16.95 -15.37
N TYR A 67 -3.17 -16.36 -16.39
CA TYR A 67 -3.69 -15.01 -16.26
C TYR A 67 -5.21 -15.01 -16.17
N LYS A 68 -5.76 -16.19 -15.91
CA LYS A 68 -7.20 -16.32 -15.72
C LYS A 68 -7.60 -15.59 -14.45
N LEU A 69 -8.66 -14.79 -14.50
CA LEU A 69 -9.11 -14.07 -13.30
C LEU A 69 -9.88 -15.02 -12.41
N CYS A 70 -9.13 -15.92 -11.79
CA CYS A 70 -9.71 -16.97 -10.97
C CYS A 70 -8.84 -17.25 -9.75
N THR A 71 -9.28 -16.74 -8.60
CA THR A 71 -8.52 -16.88 -7.36
C THR A 71 -9.44 -17.11 -6.17
N ARG A 72 -8.84 -17.20 -4.98
CA ARG A 72 -9.60 -17.37 -3.75
C ARG A 72 -10.45 -16.13 -3.47
N SER A 73 -10.16 -15.03 -4.16
CA SER A 73 -10.91 -13.79 -3.97
C SER A 73 -12.18 -13.78 -4.84
N GLY A 74 -12.22 -14.66 -5.84
CA GLY A 74 -13.38 -14.73 -6.71
C GLY A 74 -13.04 -15.00 -8.16
N ASN A 75 -14.05 -15.07 -9.02
CA ASN A 75 -13.84 -15.32 -10.44
C ASN A 75 -13.94 -14.03 -11.25
N GLU A 76 -13.85 -14.13 -12.57
CA GLU A 76 -13.91 -12.93 -13.42
C GLU A 76 -15.22 -12.18 -13.26
N ASP A 77 -16.32 -12.91 -13.16
CA ASP A 77 -17.61 -12.26 -13.00
C ASP A 77 -17.63 -11.41 -11.74
N GLU A 78 -17.18 -11.98 -10.64
CA GLU A 78 -17.13 -11.28 -9.37
C GLU A 78 -16.15 -10.11 -9.43
N PHE A 79 -15.03 -10.31 -10.13
CA PHE A 79 -14.04 -9.26 -10.27
C PHE A 79 -14.61 -8.07 -11.05
N ARG A 80 -15.28 -8.37 -12.16
CA ARG A 80 -15.88 -7.33 -12.99
C ARG A 80 -16.96 -6.59 -12.21
N ASN A 81 -17.73 -7.34 -11.44
CA ASN A 81 -18.80 -6.74 -10.65
C ASN A 81 -18.22 -5.74 -9.65
N MET A 82 -17.11 -6.12 -9.04
CA MET A 82 -16.44 -5.26 -8.07
C MET A 82 -15.89 -4.00 -8.72
N VAL A 83 -15.16 -4.14 -9.81
CA VAL A 83 -14.60 -2.97 -10.49
C VAL A 83 -15.69 -2.01 -10.93
N THR A 84 -16.77 -2.56 -11.48
CA THR A 84 -17.88 -1.75 -11.93
C THR A 84 -18.56 -1.01 -10.79
N ARG A 85 -18.89 -1.73 -9.73
CA ARG A 85 -19.56 -1.12 -8.58
C ARG A 85 -18.69 -0.08 -7.91
N CYS A 86 -17.40 -0.37 -7.79
CA CYS A 86 -16.49 0.59 -7.17
C CYS A 86 -16.34 1.83 -8.04
N ASN A 87 -16.16 1.64 -9.34
CA ASN A 87 -16.02 2.76 -10.26
C ASN A 87 -17.28 3.61 -10.27
N ASN A 88 -18.43 2.97 -10.17
CA ASN A 88 -19.71 3.68 -10.20
C ASN A 88 -19.87 4.58 -8.97
N VAL A 89 -19.09 4.29 -7.93
CA VAL A 89 -19.15 5.08 -6.71
C VAL A 89 -17.92 5.98 -6.58
N GLY A 90 -17.12 6.05 -7.65
CA GLY A 90 -15.94 6.89 -7.63
C GLY A 90 -14.73 6.35 -6.89
N VAL A 91 -14.70 5.04 -6.69
CA VAL A 91 -13.57 4.40 -6.00
C VAL A 91 -12.83 3.50 -6.99
N ARG A 92 -11.56 3.82 -7.22
CA ARG A 92 -10.74 3.10 -8.19
C ARG A 92 -10.17 1.79 -7.67
N ILE A 93 -9.84 0.93 -8.63
CA ILE A 93 -9.25 -0.35 -8.36
C ILE A 93 -7.87 -0.44 -9.01
N TYR A 94 -6.87 -0.81 -8.23
CA TYR A 94 -5.50 -0.98 -8.72
C TYR A 94 -5.08 -2.42 -8.55
N VAL A 95 -4.59 -3.03 -9.62
CA VAL A 95 -4.24 -4.44 -9.56
C VAL A 95 -2.77 -4.69 -9.25
N ASP A 96 -2.54 -5.63 -8.35
CA ASP A 96 -1.21 -6.08 -8.00
C ASP A 96 -0.76 -7.02 -9.11
N ALA A 97 0.04 -6.48 -10.03
CA ALA A 97 0.48 -7.24 -11.20
C ALA A 97 1.76 -8.03 -10.96
N VAL A 98 1.63 -9.35 -10.98
CA VAL A 98 2.76 -10.26 -10.82
C VAL A 98 3.19 -10.70 -12.21
N ILE A 99 4.10 -9.92 -12.81
CA ILE A 99 4.51 -10.15 -14.19
C ILE A 99 5.99 -10.44 -14.36
N ASN A 100 6.77 -10.43 -13.28
CA ASN A 100 8.19 -10.72 -13.44
C ASN A 100 8.44 -12.23 -13.49
N HIS A 101 7.53 -12.99 -12.91
CA HIS A 101 7.75 -14.42 -12.81
C HIS A 101 6.47 -15.23 -12.75
N MET A 102 6.66 -16.54 -12.84
CA MET A 102 5.59 -17.49 -12.65
C MET A 102 5.81 -18.15 -11.29
N CYS A 103 5.48 -19.42 -11.11
CA CYS A 103 5.65 -20.03 -9.78
C CYS A 103 7.08 -20.57 -9.56
N GLY A 104 7.32 -21.09 -8.35
CA GLY A 104 8.62 -21.64 -8.02
C GLY A 104 8.99 -22.77 -8.96
N ASN A 105 10.25 -22.84 -9.35
CA ASN A 105 10.71 -23.86 -10.29
C ASN A 105 10.64 -25.27 -9.69
N ALA A 106 10.61 -25.37 -8.37
CA ALA A 106 10.57 -26.68 -7.71
C ALA A 106 9.14 -27.13 -7.40
N VAL A 107 8.14 -26.31 -7.71
CA VAL A 107 6.76 -26.67 -7.43
C VAL A 107 6.33 -27.87 -8.27
N SER A 108 5.61 -28.81 -7.65
CA SER A 108 5.18 -30.02 -8.34
C SER A 108 4.20 -29.73 -9.46
N ALA A 109 4.37 -30.43 -10.58
CA ALA A 109 3.49 -30.29 -11.73
C ALA A 109 2.14 -30.91 -11.43
N GLY A 110 1.08 -30.38 -12.04
CA GLY A 110 -0.24 -30.90 -11.80
C GLY A 110 -1.32 -29.85 -11.95
N THR A 111 -2.41 -29.99 -11.22
CA THR A 111 -3.51 -29.04 -11.31
C THR A 111 -3.80 -28.41 -9.96
N SER A 112 -2.77 -28.29 -9.13
CA SER A 112 -2.93 -27.65 -7.83
C SER A 112 -2.90 -26.13 -7.99
N SER A 113 -3.91 -25.62 -8.67
CA SER A 113 -4.03 -24.19 -8.94
C SER A 113 -5.43 -23.71 -8.57
N THR A 114 -5.59 -22.39 -8.39
CA THR A 114 -6.87 -21.84 -7.96
C THR A 114 -7.97 -21.98 -9.01
N CYS A 115 -7.63 -22.33 -10.25
CA CYS A 115 -8.66 -22.52 -11.26
C CYS A 115 -8.56 -23.89 -11.91
N GLY A 116 -7.69 -24.74 -11.36
CA GLY A 116 -7.54 -26.08 -11.90
C GLY A 116 -6.71 -26.19 -13.16
N SER A 117 -6.09 -25.09 -13.56
CA SER A 117 -5.24 -25.10 -14.76
C SER A 117 -4.03 -25.98 -14.55
N TYR A 118 -3.64 -26.71 -15.58
CA TYR A 118 -2.47 -27.57 -15.47
C TYR A 118 -1.19 -26.77 -15.71
N PHE A 119 -0.13 -27.14 -15.01
CA PHE A 119 1.16 -26.49 -15.17
C PHE A 119 2.28 -27.41 -14.73
N ASN A 120 3.44 -27.23 -15.34
CA ASN A 120 4.61 -28.05 -15.02
C ASN A 120 5.85 -27.19 -14.91
N PRO A 121 6.12 -26.66 -13.72
CA PRO A 121 7.30 -25.81 -13.50
C PRO A 121 8.58 -26.46 -14.04
N GLY A 122 8.75 -27.75 -13.73
CA GLY A 122 9.93 -28.46 -14.18
C GLY A 122 10.22 -28.36 -15.66
N SER A 123 9.18 -28.51 -16.49
CA SER A 123 9.37 -28.44 -17.94
C SER A 123 9.05 -27.04 -18.48
N ARG A 124 8.83 -26.10 -17.57
CA ARG A 124 8.53 -24.71 -17.94
C ARG A 124 7.24 -24.64 -18.77
N ASP A 125 6.29 -25.52 -18.48
CA ASP A 125 5.06 -25.56 -19.25
C ASP A 125 3.86 -24.99 -18.50
N PHE A 126 3.34 -23.90 -19.03
CA PHE A 126 2.16 -23.22 -18.50
C PHE A 126 1.17 -23.03 -19.64
N PRO A 127 0.56 -24.13 -20.12
CA PRO A 127 -0.39 -24.16 -21.23
C PRO A 127 -1.58 -23.21 -21.17
N ALA A 128 -1.97 -22.78 -19.98
CA ALA A 128 -3.11 -21.89 -19.83
C ALA A 128 -2.80 -20.48 -20.31
N VAL A 129 -1.52 -20.13 -20.46
CA VAL A 129 -1.17 -18.78 -20.88
C VAL A 129 -1.24 -18.58 -22.40
N PRO A 130 -0.47 -19.34 -23.19
CA PRO A 130 0.54 -20.35 -22.83
C PRO A 130 1.98 -19.86 -22.82
N TYR A 131 2.77 -20.48 -21.95
CA TYR A 131 4.19 -20.20 -21.82
C TYR A 131 4.95 -21.52 -21.92
N SER A 132 6.16 -21.47 -22.47
CA SER A 132 6.98 -22.66 -22.56
C SER A 132 8.42 -22.33 -22.16
N GLY A 133 9.32 -23.31 -22.26
CA GLY A 133 10.70 -23.08 -21.89
C GLY A 133 11.34 -21.91 -22.61
N TRP A 134 10.83 -21.60 -23.81
CA TRP A 134 11.37 -20.51 -24.62
C TRP A 134 11.02 -19.15 -24.01
N ASP A 135 10.12 -19.13 -23.03
CA ASP A 135 9.68 -17.87 -22.46
C ASP A 135 10.32 -17.55 -21.12
N PHE A 136 11.34 -18.30 -20.71
CA PHE A 136 11.99 -18.04 -19.43
C PHE A 136 13.48 -17.71 -19.61
N ASN A 137 14.09 -17.12 -18.58
CA ASN A 137 15.48 -16.68 -18.64
C ASN A 137 16.49 -17.75 -18.22
N ASP A 138 16.11 -19.02 -18.32
CA ASP A 138 17.02 -20.10 -17.94
C ASP A 138 18.37 -19.96 -18.61
N GLY A 139 18.37 -19.60 -19.89
CA GLY A 139 19.62 -19.46 -20.61
C GLY A 139 20.29 -18.11 -20.49
N LYS A 140 19.53 -17.11 -20.03
CA LYS A 140 20.05 -15.75 -19.88
C LYS A 140 20.80 -15.58 -18.57
N CYS A 141 20.27 -16.17 -17.50
CA CYS A 141 20.87 -16.09 -16.17
C CYS A 141 22.25 -16.74 -16.16
N LYS A 142 23.22 -16.07 -15.54
CA LYS A 142 24.59 -16.58 -15.54
C LYS A 142 25.05 -17.08 -14.16
N THR A 143 24.17 -17.15 -13.17
CA THR A 143 24.60 -17.63 -11.85
C THR A 143 24.68 -19.16 -11.82
N GLY A 144 25.52 -19.70 -10.95
CA GLY A 144 25.66 -21.14 -10.87
C GLY A 144 24.42 -21.85 -10.37
N SER A 145 23.60 -21.17 -9.59
CA SER A 145 22.39 -21.77 -9.04
C SER A 145 21.15 -21.48 -9.88
N GLY A 146 21.24 -20.46 -10.74
CA GLY A 146 20.10 -20.13 -11.56
C GLY A 146 19.21 -19.13 -10.85
N ASP A 147 19.49 -18.90 -9.56
CA ASP A 147 18.74 -17.95 -8.74
C ASP A 147 19.56 -16.70 -8.50
N ILE A 148 18.93 -15.67 -7.94
CA ILE A 148 19.66 -14.45 -7.61
C ILE A 148 20.55 -14.72 -6.40
N GLU A 149 21.83 -14.41 -6.52
CA GLU A 149 22.78 -14.68 -5.44
C GLU A 149 23.45 -13.43 -4.89
N ASN A 150 23.67 -12.44 -5.75
CA ASN A 150 24.37 -11.22 -5.35
C ASN A 150 23.67 -9.98 -5.88
N TYR A 151 23.16 -9.15 -4.98
CA TYR A 151 22.47 -7.93 -5.38
C TYR A 151 23.43 -6.83 -5.83
N ASN A 152 24.73 -7.11 -5.76
CA ASN A 152 25.72 -6.13 -6.22
C ASN A 152 25.90 -6.24 -7.73
N ASP A 153 25.29 -7.27 -8.31
CA ASP A 153 25.30 -7.51 -9.75
C ASP A 153 23.92 -7.25 -10.32
N ALA A 154 23.70 -6.03 -10.81
CA ALA A 154 22.40 -5.61 -11.34
C ALA A 154 21.86 -6.53 -12.43
N THR A 155 22.74 -7.21 -13.15
CA THR A 155 22.27 -8.08 -14.24
C THR A 155 21.55 -9.33 -13.73
N GLN A 156 22.18 -10.07 -12.82
CA GLN A 156 21.57 -11.29 -12.30
C GLN A 156 20.29 -10.99 -11.53
N VAL A 157 20.21 -9.81 -10.91
CA VAL A 157 19.02 -9.44 -10.15
C VAL A 157 17.79 -9.38 -11.06
N ARG A 158 18.03 -9.15 -12.34
CA ARG A 158 16.94 -9.04 -13.32
C ARG A 158 16.75 -10.29 -14.16
N ASP A 159 17.84 -11.01 -14.45
CA ASP A 159 17.75 -12.18 -15.34
C ASP A 159 17.69 -13.52 -14.59
N CYS A 160 17.91 -13.52 -13.29
CA CYS A 160 17.88 -14.77 -12.56
C CYS A 160 16.62 -14.91 -11.69
N ARG A 161 16.41 -16.10 -11.16
CA ARG A 161 15.21 -16.39 -10.38
C ARG A 161 15.24 -15.86 -8.96
N LEU A 162 14.24 -15.05 -8.63
CA LEU A 162 14.11 -14.53 -7.27
C LEU A 162 13.65 -15.65 -6.35
N THR A 163 14.56 -16.14 -5.51
CA THR A 163 14.27 -17.26 -4.61
C THR A 163 13.63 -18.43 -5.35
N GLY A 164 14.13 -18.72 -6.55
CA GLY A 164 13.63 -19.84 -7.32
C GLY A 164 12.39 -19.61 -8.20
N LEU A 165 11.81 -18.42 -8.16
CA LEU A 165 10.64 -18.13 -8.98
C LEU A 165 11.01 -18.08 -10.45
N LEU A 166 10.35 -18.89 -11.27
CA LEU A 166 10.65 -18.90 -12.71
C LEU A 166 10.59 -17.49 -13.27
N ASP A 167 11.71 -17.04 -13.83
CA ASP A 167 11.85 -15.68 -14.35
C ASP A 167 11.48 -15.59 -15.83
N LEU A 168 10.43 -14.80 -16.12
CA LEU A 168 9.97 -14.64 -17.50
C LEU A 168 10.96 -13.82 -18.32
N ALA A 169 11.11 -14.20 -19.60
CA ALA A 169 11.99 -13.49 -20.51
C ALA A 169 11.27 -12.26 -21.04
N LEU A 170 11.27 -11.20 -20.24
CA LEU A 170 10.57 -9.96 -20.55
C LEU A 170 11.13 -9.20 -21.75
N GLU A 171 12.24 -9.64 -22.34
CA GLU A 171 12.74 -8.93 -23.51
C GLU A 171 12.02 -9.40 -24.78
N LYS A 172 11.41 -10.58 -24.69
CA LYS A 172 10.69 -11.19 -25.82
C LYS A 172 9.34 -10.51 -26.07
N ASP A 173 9.08 -10.16 -27.33
CA ASP A 173 7.81 -9.50 -27.64
C ASP A 173 6.63 -10.42 -27.30
N TYR A 174 6.79 -11.72 -27.50
CA TYR A 174 5.70 -12.64 -27.19
C TYR A 174 5.32 -12.55 -25.71
N VAL A 175 6.33 -12.59 -24.85
CA VAL A 175 6.09 -12.52 -23.41
C VAL A 175 5.51 -11.16 -23.04
N ARG A 176 6.08 -10.10 -23.60
CA ARG A 176 5.59 -8.75 -23.33
C ARG A 176 4.12 -8.64 -23.74
N SER A 177 3.79 -9.25 -24.88
CA SER A 177 2.43 -9.21 -25.41
C SER A 177 1.46 -10.02 -24.55
N LYS A 178 1.91 -11.16 -24.03
CA LYS A 178 1.02 -11.97 -23.18
C LYS A 178 0.70 -11.24 -21.90
N ILE A 179 1.69 -10.53 -21.36
CA ILE A 179 1.48 -9.76 -20.15
C ILE A 179 0.58 -8.56 -20.45
N ALA A 180 0.79 -7.94 -21.59
CA ALA A 180 -0.03 -6.80 -21.99
C ALA A 180 -1.47 -7.24 -22.22
N GLU A 181 -1.64 -8.44 -22.77
CA GLU A 181 -2.97 -8.99 -23.00
C GLU A 181 -3.73 -9.10 -21.69
N TYR A 182 -3.02 -9.56 -20.66
CA TYR A 182 -3.59 -9.71 -19.33
C TYR A 182 -3.94 -8.35 -18.73
N MET A 183 -2.98 -7.43 -18.80
CA MET A 183 -3.19 -6.11 -18.23
C MET A 183 -4.27 -5.33 -18.99
N ASN A 184 -4.31 -5.48 -20.30
CA ASN A 184 -5.33 -4.77 -21.10
C ASN A 184 -6.71 -5.32 -20.79
N HIS A 185 -6.76 -6.61 -20.50
CA HIS A 185 -8.02 -7.24 -20.14
C HIS A 185 -8.56 -6.56 -18.88
N LEU A 186 -7.67 -6.32 -17.93
CA LEU A 186 -8.02 -5.67 -16.67
C LEU A 186 -8.40 -4.21 -16.88
N ILE A 187 -7.62 -3.49 -17.69
CA ILE A 187 -7.89 -2.09 -17.97
C ILE A 187 -9.28 -1.92 -18.60
N ASP A 188 -9.59 -2.75 -19.60
CA ASP A 188 -10.87 -2.68 -20.28
C ASP A 188 -12.02 -3.00 -19.32
N ILE A 189 -11.72 -3.83 -18.33
CA ILE A 189 -12.72 -4.14 -17.31
C ILE A 189 -12.97 -2.88 -16.48
N GLY A 190 -11.95 -2.06 -16.31
CA GLY A 190 -12.16 -0.84 -15.54
C GLY A 190 -11.10 -0.47 -14.52
N VAL A 191 -10.05 -1.27 -14.37
CA VAL A 191 -9.01 -0.94 -13.39
C VAL A 191 -8.32 0.38 -13.76
N ALA A 192 -7.89 1.14 -12.75
CA ALA A 192 -7.30 2.44 -12.97
C ALA A 192 -5.77 2.43 -12.96
N GLY A 193 -5.16 1.32 -12.58
CA GLY A 193 -3.71 1.29 -12.54
C GLY A 193 -3.17 -0.01 -11.97
N PHE A 194 -1.86 -0.08 -11.77
CA PHE A 194 -1.27 -1.32 -11.28
C PHE A 194 -0.06 -1.09 -10.40
N ARG A 195 0.12 -2.04 -9.51
CA ARG A 195 1.31 -2.13 -8.70
C ARG A 195 2.19 -3.17 -9.39
N LEU A 196 3.35 -2.78 -9.89
CA LEU A 196 4.21 -3.75 -10.55
C LEU A 196 5.11 -4.44 -9.56
N ASP A 197 4.71 -5.65 -9.21
CA ASP A 197 5.42 -6.47 -8.25
C ASP A 197 6.82 -6.82 -8.74
N ALA A 198 7.79 -6.80 -7.83
CA ALA A 198 9.17 -7.17 -8.12
C ALA A 198 9.75 -6.36 -9.29
N SER A 199 9.51 -5.06 -9.30
CA SER A 199 10.02 -4.23 -10.39
C SER A 199 11.55 -4.15 -10.40
N LYS A 200 12.18 -4.27 -9.23
CA LYS A 200 13.64 -4.24 -9.20
C LYS A 200 14.21 -5.40 -10.00
N HIS A 201 13.42 -6.47 -10.12
CA HIS A 201 13.84 -7.68 -10.81
C HIS A 201 13.50 -7.65 -12.29
N MET A 202 13.07 -6.49 -12.76
CA MET A 202 12.75 -6.30 -14.17
C MET A 202 13.54 -5.13 -14.72
N TRP A 203 13.98 -5.23 -15.97
CA TRP A 203 14.73 -4.14 -16.57
C TRP A 203 13.81 -2.96 -16.85
N PRO A 204 14.24 -1.74 -16.47
CA PRO A 204 13.40 -0.55 -16.71
C PRO A 204 12.90 -0.50 -18.16
N GLY A 205 13.78 -0.88 -19.08
CA GLY A 205 13.43 -0.87 -20.50
C GLY A 205 12.36 -1.88 -20.88
N ASP A 206 12.38 -3.03 -20.21
CA ASP A 206 11.39 -4.07 -20.46
C ASP A 206 10.03 -3.64 -19.94
N ILE A 207 10.01 -3.04 -18.75
CA ILE A 207 8.75 -2.55 -18.20
C ILE A 207 8.15 -1.52 -19.15
N LYS A 208 8.99 -0.61 -19.63
CA LYS A 208 8.54 0.43 -20.55
C LYS A 208 7.89 -0.18 -21.80
N ALA A 209 8.54 -1.20 -22.36
CA ALA A 209 8.03 -1.85 -23.56
C ALA A 209 6.64 -2.43 -23.31
N ILE A 210 6.45 -2.99 -22.13
CA ILE A 210 5.16 -3.57 -21.77
C ILE A 210 4.11 -2.48 -21.59
N LEU A 211 4.49 -1.41 -20.88
CA LEU A 211 3.58 -0.31 -20.64
C LEU A 211 3.16 0.36 -21.95
N ASP A 212 4.04 0.30 -22.94
CA ASP A 212 3.79 0.91 -24.24
C ASP A 212 2.66 0.19 -24.98
N LYS A 213 2.35 -1.03 -24.54
CA LYS A 213 1.30 -1.81 -25.18
C LYS A 213 -0.04 -1.68 -24.45
N LEU A 214 -0.06 -0.93 -23.36
CA LEU A 214 -1.27 -0.80 -22.56
C LEU A 214 -2.27 0.20 -23.13
N HIS A 215 -3.55 -0.10 -22.93
CA HIS A 215 -4.65 0.75 -23.39
C HIS A 215 -4.83 1.93 -22.46
N ASN A 216 -5.59 2.90 -22.94
CA ASN A 216 -5.98 4.02 -22.11
C ASN A 216 -7.10 3.50 -21.20
N LEU A 217 -7.42 4.18 -20.12
CA LEU A 217 -8.45 3.69 -19.22
C LEU A 217 -9.82 3.64 -19.91
N ASN A 218 -10.71 2.79 -19.40
CA ASN A 218 -12.05 2.63 -19.97
C ASN A 218 -12.79 3.96 -20.08
N SER A 219 -13.06 4.37 -21.31
CA SER A 219 -13.69 5.65 -21.61
C SER A 219 -15.11 5.79 -21.06
N ASN A 220 -15.67 4.73 -20.50
CA ASN A 220 -17.02 4.85 -19.93
C ASN A 220 -16.97 5.53 -18.57
N TRP A 221 -15.79 5.49 -17.92
CA TRP A 221 -15.64 6.08 -16.60
C TRP A 221 -14.54 7.16 -16.58
N PHE A 222 -13.54 7.04 -17.44
CA PHE A 222 -12.43 7.98 -17.42
C PHE A 222 -12.36 8.84 -18.68
N PRO A 223 -11.84 10.07 -18.55
CA PRO A 223 -11.72 10.95 -19.72
C PRO A 223 -10.76 10.35 -20.74
N ALA A 224 -10.97 10.70 -22.01
CA ALA A 224 -10.11 10.19 -23.07
C ALA A 224 -8.64 10.51 -22.81
N GLY A 225 -7.75 9.58 -23.16
CA GLY A 225 -6.33 9.81 -22.97
C GLY A 225 -5.81 9.50 -21.58
N SER A 226 -6.68 9.00 -20.70
CA SER A 226 -6.26 8.66 -19.34
C SER A 226 -5.34 7.44 -19.36
N LYS A 227 -4.18 7.57 -18.72
CA LYS A 227 -3.22 6.47 -18.67
C LYS A 227 -3.28 5.75 -17.34
N PRO A 228 -3.09 4.43 -17.34
CA PRO A 228 -3.14 3.70 -16.07
C PRO A 228 -2.07 4.16 -15.09
N PHE A 229 -2.46 4.30 -13.82
CA PHE A 229 -1.52 4.68 -12.77
C PHE A 229 -0.52 3.54 -12.57
N ILE A 230 0.77 3.86 -12.59
CA ILE A 230 1.76 2.81 -12.41
C ILE A 230 2.67 3.08 -11.22
N TYR A 231 2.68 2.17 -10.25
CA TYR A 231 3.61 2.28 -9.14
C TYR A 231 4.38 0.98 -9.02
N GLN A 232 5.68 1.08 -9.30
CA GLN A 232 6.58 -0.07 -9.31
C GLN A 232 7.14 -0.40 -7.95
N GLU A 233 7.03 -1.67 -7.57
CA GLU A 233 7.58 -2.13 -6.30
C GLU A 233 9.08 -2.31 -6.42
N VAL A 234 9.81 -1.30 -5.99
CA VAL A 234 11.25 -1.36 -6.00
C VAL A 234 11.77 -1.10 -4.61
N ILE A 235 12.41 -2.11 -4.03
CA ILE A 235 12.97 -1.99 -2.70
C ILE A 235 14.38 -1.43 -2.81
N ASP A 236 14.53 -0.14 -2.52
CA ASP A 236 15.82 0.52 -2.62
C ASP A 236 16.14 1.30 -1.36
N LEU A 237 16.95 0.70 -0.50
CA LEU A 237 17.39 1.34 0.72
C LEU A 237 18.83 1.82 0.55
N GLY A 238 19.73 1.32 1.40
CA GLY A 238 21.12 1.71 1.29
C GLY A 238 21.86 1.16 0.08
N GLY A 239 23.13 1.54 -0.03
CA GLY A 239 24.00 1.13 -1.12
C GLY A 239 23.72 -0.13 -1.93
N GLU A 240 23.20 0.10 -3.13
CA GLU A 240 22.87 -0.95 -4.09
C GLU A 240 23.02 -0.40 -5.50
N PRO A 241 23.58 -1.18 -6.44
CA PRO A 241 23.74 -0.66 -7.81
C PRO A 241 22.43 -0.17 -8.40
N ILE A 242 21.36 -0.94 -8.19
CA ILE A 242 20.05 -0.56 -8.71
C ILE A 242 19.40 0.51 -7.83
N LYS A 243 18.90 1.55 -8.47
CA LYS A 243 18.24 2.65 -7.77
C LYS A 243 16.81 2.78 -8.24
N SER A 244 15.90 3.15 -7.34
CA SER A 244 14.51 3.30 -7.74
C SER A 244 14.37 4.39 -8.82
N SER A 245 15.31 5.33 -8.85
CA SER A 245 15.25 6.39 -9.84
C SER A 245 15.39 5.85 -11.27
N ASP A 246 15.99 4.67 -11.41
CA ASP A 246 16.14 4.07 -12.74
C ASP A 246 14.78 3.75 -13.36
N TYR A 247 13.73 3.81 -12.55
CA TYR A 247 12.38 3.45 -13.01
C TYR A 247 11.43 4.65 -13.17
N PHE A 248 11.92 5.86 -12.96
CA PHE A 248 11.09 7.06 -13.05
C PHE A 248 10.45 7.25 -14.42
N GLY A 249 11.08 6.71 -15.47
CA GLY A 249 10.52 6.86 -16.80
C GLY A 249 9.27 6.04 -17.05
N ASN A 250 8.95 5.13 -16.12
CA ASN A 250 7.79 4.24 -16.28
C ASN A 250 6.61 4.64 -15.40
N GLY A 251 6.89 5.32 -14.30
CA GLY A 251 5.83 5.72 -13.39
C GLY A 251 6.38 5.93 -12.00
N ARG A 252 5.52 5.90 -10.99
CA ARG A 252 5.98 6.08 -9.61
C ARG A 252 6.65 4.82 -9.09
N VAL A 253 7.28 4.96 -7.94
CA VAL A 253 7.93 3.83 -7.30
C VAL A 253 7.59 3.80 -5.83
N THR A 254 7.57 2.61 -5.25
CA THR A 254 7.32 2.49 -3.82
C THR A 254 8.53 3.03 -3.08
N GLU A 255 8.32 3.93 -2.12
CA GLU A 255 9.45 4.46 -1.36
C GLU A 255 9.54 3.72 -0.02
N PHE A 256 10.29 2.64 0.00
CA PHE A 256 10.42 1.83 1.20
C PHE A 256 11.24 2.53 2.29
N LYS A 257 12.00 3.55 1.92
CA LYS A 257 12.77 4.29 2.91
C LYS A 257 11.83 5.04 3.84
N TYR A 258 10.66 5.37 3.30
CA TYR A 258 9.64 6.12 4.03
C TYR A 258 9.22 5.43 5.33
N GLY A 259 8.65 4.25 5.21
CA GLY A 259 8.20 3.50 6.37
C GLY A 259 9.33 3.06 7.28
N ALA A 260 10.46 2.68 6.68
CA ALA A 260 11.60 2.25 7.46
C ALA A 260 12.09 3.37 8.39
N LYS A 261 12.31 4.55 7.81
CA LYS A 261 12.79 5.70 8.59
C LYS A 261 11.73 6.22 9.55
N LEU A 262 10.48 6.30 9.09
CA LEU A 262 9.43 6.78 9.98
C LEU A 262 9.31 5.86 11.20
N GLY A 263 9.47 4.56 10.96
CA GLY A 263 9.40 3.60 12.04
C GLY A 263 10.52 3.83 13.04
N THR A 264 11.75 4.00 12.54
CA THR A 264 12.88 4.22 13.44
C THR A 264 12.70 5.53 14.23
N VAL A 265 12.16 6.55 13.58
CA VAL A 265 11.96 7.85 14.21
C VAL A 265 10.92 7.77 15.33
N ILE A 266 9.76 7.20 15.05
CA ILE A 266 8.70 7.10 16.04
C ILE A 266 9.06 6.13 17.17
N ARG A 267 9.90 5.15 16.86
CA ARG A 267 10.35 4.20 17.89
C ARG A 267 11.51 4.81 18.67
N LYS A 268 12.01 5.92 18.14
CA LYS A 268 13.12 6.66 18.74
C LYS A 268 14.37 5.79 18.81
N TRP A 269 14.62 5.05 17.73
CA TRP A 269 15.79 4.19 17.66
C TRP A 269 17.03 4.97 17.30
N ASN A 270 18.15 4.57 17.90
CA ASN A 270 19.47 5.17 17.73
C ASN A 270 19.45 6.71 17.69
N GLY A 271 18.90 7.30 18.74
CA GLY A 271 18.87 8.77 18.84
C GLY A 271 17.93 9.55 17.94
N GLU A 272 17.12 8.87 17.14
CA GLU A 272 16.20 9.58 16.27
C GLU A 272 15.07 10.24 17.05
N LYS A 273 14.56 11.35 16.54
CA LYS A 273 13.46 12.06 17.19
C LYS A 273 12.58 12.74 16.17
N MET A 274 11.32 12.96 16.53
CA MET A 274 10.36 13.58 15.63
C MET A 274 10.76 14.99 15.21
N SER A 275 11.56 15.67 16.02
CA SER A 275 11.97 17.01 15.66
C SER A 275 12.80 16.99 14.37
N TYR A 276 13.34 15.83 14.03
CA TYR A 276 14.14 15.69 12.81
C TYR A 276 13.27 15.59 11.56
N LEU A 277 11.97 15.41 11.74
CA LEU A 277 11.04 15.27 10.60
C LEU A 277 10.71 16.61 9.94
N LYS A 278 11.29 17.69 10.44
CA LYS A 278 11.04 19.02 9.88
C LYS A 278 11.24 19.05 8.36
N ASN A 279 12.32 18.43 7.89
CA ASN A 279 12.62 18.42 6.46
C ASN A 279 12.27 17.07 5.82
N TRP A 280 11.28 16.39 6.39
CA TRP A 280 10.81 15.10 5.89
C TRP A 280 10.54 15.17 4.39
N GLY A 281 10.90 14.10 3.68
CA GLY A 281 10.69 14.08 2.25
C GLY A 281 12.01 13.93 1.51
N GLU A 282 12.15 14.65 0.40
CA GLU A 282 13.37 14.59 -0.39
C GLU A 282 14.60 14.90 0.46
N GLY A 283 14.40 15.72 1.50
CA GLY A 283 15.50 16.09 2.38
C GLY A 283 16.11 14.89 3.08
N TRP A 284 15.38 13.79 3.15
CA TRP A 284 15.87 12.58 3.80
C TRP A 284 16.43 11.59 2.77
N GLY A 285 16.63 12.07 1.54
CA GLY A 285 17.16 11.21 0.50
C GLY A 285 16.09 10.39 -0.21
N PHE A 286 14.83 10.74 0.00
CA PHE A 286 13.73 10.03 -0.64
C PHE A 286 13.57 10.47 -2.09
N VAL A 287 12.85 9.68 -2.88
CA VAL A 287 12.62 10.06 -4.27
C VAL A 287 11.72 11.27 -4.35
N PRO A 288 11.69 11.94 -5.52
CA PRO A 288 10.83 13.12 -5.65
C PRO A 288 9.39 12.75 -5.25
N SER A 289 8.70 13.69 -4.63
CA SER A 289 7.33 13.45 -4.17
C SER A 289 6.39 12.98 -5.28
N ASP A 290 6.52 13.53 -6.48
CA ASP A 290 5.61 13.15 -7.57
C ASP A 290 5.92 11.77 -8.15
N ARG A 291 6.89 11.07 -7.58
CA ARG A 291 7.21 9.71 -8.04
C ARG A 291 7.13 8.74 -6.89
N ALA A 292 6.60 9.20 -5.77
CA ALA A 292 6.57 8.37 -4.59
C ALA A 292 5.18 7.84 -4.23
N LEU A 293 5.18 6.55 -3.93
CA LEU A 293 4.03 5.86 -3.39
C LEU A 293 4.44 5.52 -1.98
N VAL A 294 3.86 6.19 -0.98
CA VAL A 294 4.29 5.98 0.40
C VAL A 294 3.30 5.19 1.22
N PHE A 295 3.83 4.64 2.31
CA PHE A 295 3.08 3.82 3.24
C PHE A 295 3.91 3.56 4.49
N VAL A 296 3.25 3.28 5.60
CA VAL A 296 3.96 2.99 6.83
C VAL A 296 4.45 1.54 6.80
N ASP A 297 3.56 0.66 6.41
CA ASP A 297 3.86 -0.77 6.28
C ASP A 297 3.13 -1.35 5.07
N ASN A 298 3.61 -2.48 4.57
CA ASN A 298 2.94 -3.14 3.47
C ASN A 298 2.73 -4.61 3.81
N HIS A 299 2.03 -5.34 2.94
CA HIS A 299 1.71 -6.74 3.22
C HIS A 299 2.95 -7.58 3.48
N ASP A 300 4.08 -7.17 2.92
CA ASP A 300 5.34 -7.88 3.05
C ASP A 300 6.05 -7.59 4.37
N ASN A 301 6.43 -6.33 4.57
CA ASN A 301 7.22 -5.99 5.75
C ASN A 301 6.42 -5.93 7.04
N GLN A 302 5.10 -6.01 7.00
CA GLN A 302 4.36 -6.01 8.26
C GLN A 302 4.54 -7.35 8.97
N ARG A 303 5.07 -8.32 8.23
CA ARG A 303 5.33 -9.66 8.77
C ARG A 303 6.79 -10.06 8.53
N GLY A 304 7.68 -9.08 8.56
CA GLY A 304 9.10 -9.34 8.37
C GLY A 304 9.45 -10.04 7.07
N HIS A 305 8.63 -9.85 6.04
CA HIS A 305 8.87 -10.46 4.73
C HIS A 305 9.43 -9.45 3.73
N GLY A 306 9.57 -8.20 4.15
CA GLY A 306 10.08 -7.20 3.23
C GLY A 306 11.09 -6.20 3.78
N ALA A 307 11.27 -5.11 3.04
CA ALA A 307 12.21 -4.06 3.40
C ALA A 307 11.67 -3.20 4.53
N GLY A 308 12.57 -2.80 5.43
CA GLY A 308 12.20 -1.98 6.56
C GLY A 308 12.79 -2.58 7.82
N GLY A 309 12.72 -3.91 7.91
CA GLY A 309 13.25 -4.61 9.06
C GLY A 309 12.34 -4.58 10.27
N ALA A 310 12.94 -4.62 11.45
CA ALA A 310 12.19 -4.62 12.70
C ALA A 310 11.66 -3.24 13.05
N SER A 311 12.03 -2.21 12.31
CA SER A 311 11.58 -0.85 12.62
C SER A 311 10.17 -0.59 12.10
N ILE A 312 9.71 -1.39 11.15
CA ILE A 312 8.38 -1.20 10.57
C ILE A 312 7.28 -1.28 11.62
N LEU A 313 6.41 -0.28 11.62
CA LEU A 313 5.29 -0.23 12.54
C LEU A 313 4.05 -0.84 11.87
N THR A 314 3.28 -1.61 12.63
CA THR A 314 2.09 -2.26 12.11
C THR A 314 0.93 -2.14 13.09
N PHE A 315 -0.23 -2.68 12.71
CA PHE A 315 -1.40 -2.64 13.57
C PHE A 315 -1.11 -3.29 14.93
N TRP A 316 -0.10 -4.16 14.98
CA TRP A 316 0.27 -4.80 16.24
C TRP A 316 0.74 -3.74 17.24
N ASP A 317 1.35 -2.68 16.71
CA ASP A 317 1.82 -1.54 17.50
C ASP A 317 0.83 -0.38 17.36
N ALA A 318 -0.44 -0.71 17.56
CA ALA A 318 -1.59 0.18 17.41
C ALA A 318 -1.33 1.65 17.77
N ARG A 319 -0.94 1.93 19.01
CA ARG A 319 -0.73 3.31 19.44
C ARG A 319 0.26 4.06 18.54
N LEU A 320 1.49 3.55 18.47
CA LEU A 320 2.53 4.21 17.66
C LEU A 320 2.18 4.16 16.16
N TYR A 321 1.49 3.11 15.75
CA TYR A 321 1.10 2.95 14.35
C TYR A 321 0.17 4.07 13.90
N LYS A 322 -0.82 4.39 14.73
CA LYS A 322 -1.77 5.44 14.40
C LYS A 322 -1.06 6.78 14.27
N MET A 323 -0.04 6.99 15.08
CA MET A 323 0.72 8.23 15.02
C MET A 323 1.51 8.30 13.73
N ALA A 324 2.15 7.20 13.35
CA ALA A 324 2.92 7.13 12.12
C ALA A 324 2.02 7.37 10.90
N VAL A 325 0.89 6.67 10.87
CA VAL A 325 -0.04 6.83 9.77
C VAL A 325 -0.60 8.26 9.74
N GLY A 326 -0.83 8.83 10.92
CA GLY A 326 -1.33 10.18 11.02
C GLY A 326 -0.35 11.17 10.44
N PHE A 327 0.92 11.05 10.82
CA PHE A 327 1.94 11.95 10.30
C PHE A 327 2.03 11.84 8.77
N MET A 328 2.01 10.61 8.28
CA MET A 328 2.07 10.37 6.84
C MET A 328 0.91 11.04 6.12
N LEU A 329 -0.30 10.82 6.61
CA LEU A 329 -1.50 11.36 5.98
C LEU A 329 -1.57 12.89 6.08
N ALA A 330 -0.92 13.48 7.07
CA ALA A 330 -0.95 14.94 7.20
C ALA A 330 0.14 15.58 6.36
N HIS A 331 1.26 14.88 6.17
CA HIS A 331 2.39 15.42 5.42
C HIS A 331 2.17 15.32 3.91
N PRO A 332 2.43 16.42 3.18
CA PRO A 332 2.26 16.53 1.73
C PRO A 332 3.11 15.63 0.82
N TYR A 333 4.19 15.09 1.34
CA TYR A 333 5.07 14.25 0.53
C TYR A 333 4.39 12.98 0.03
N GLY A 334 4.47 12.77 -1.29
CA GLY A 334 3.95 11.59 -1.97
C GLY A 334 2.47 11.25 -1.96
N PHE A 335 2.16 10.13 -2.63
CA PHE A 335 0.80 9.60 -2.68
C PHE A 335 0.70 8.49 -1.66
N THR A 336 -0.26 8.62 -0.75
CA THR A 336 -0.39 7.72 0.39
C THR A 336 -1.24 6.48 0.16
N ARG A 337 -0.71 5.36 0.66
CA ARG A 337 -1.40 4.08 0.65
C ARG A 337 -1.57 3.59 2.07
N VAL A 338 -2.81 3.35 2.45
CA VAL A 338 -3.11 2.86 3.79
C VAL A 338 -3.24 1.34 3.77
N MET A 339 -2.68 0.70 4.79
CA MET A 339 -2.73 -0.75 4.88
C MET A 339 -3.97 -1.23 5.63
N SER A 340 -4.52 -2.34 5.15
CA SER A 340 -5.66 -3.01 5.77
C SER A 340 -5.33 -4.49 5.82
N SER A 341 -5.19 -5.03 7.02
CA SER A 341 -4.76 -6.41 7.15
C SER A 341 -5.71 -7.28 7.93
N TYR A 342 -5.25 -8.51 8.11
CA TYR A 342 -5.95 -9.52 8.89
C TYR A 342 -5.04 -9.99 10.01
N ARG A 343 -5.65 -10.48 11.07
CA ARG A 343 -4.90 -10.98 12.22
C ARG A 343 -4.45 -12.41 11.97
N TRP A 344 -3.29 -12.74 12.51
CA TRP A 344 -2.76 -14.09 12.40
C TRP A 344 -2.04 -14.45 13.70
N PRO A 345 -1.93 -15.74 14.00
CA PRO A 345 -1.25 -16.14 15.24
C PRO A 345 0.26 -15.94 15.23
N ARG A 346 0.69 -14.71 15.49
CA ARG A 346 2.12 -14.41 15.51
C ARG A 346 2.82 -15.26 16.57
N GLN A 347 3.82 -16.02 16.14
CA GLN A 347 4.58 -16.88 17.03
C GLN A 347 6.06 -16.59 16.91
N PHE A 348 6.58 -15.74 17.80
CA PHE A 348 7.97 -15.35 17.74
C PHE A 348 8.89 -16.38 18.39
N GLN A 349 9.93 -16.77 17.65
CA GLN A 349 10.92 -17.72 18.12
C GLN A 349 12.29 -17.26 17.65
N ASN A 350 13.16 -16.92 18.60
CA ASN A 350 14.49 -16.43 18.28
C ASN A 350 14.40 -15.16 17.43
N GLY A 351 13.38 -14.35 17.69
CA GLY A 351 13.20 -13.10 16.96
C GLY A 351 12.42 -13.16 15.65
N ASN A 352 12.07 -14.36 15.19
CA ASN A 352 11.33 -14.47 13.93
C ASN A 352 9.97 -15.13 14.13
N ASP A 353 8.97 -14.59 13.44
CA ASP A 353 7.60 -15.11 13.50
C ASP A 353 7.47 -16.34 12.62
N VAL A 354 7.37 -17.52 13.23
CA VAL A 354 7.27 -18.77 12.49
C VAL A 354 5.91 -18.94 11.80
N ASN A 355 4.96 -18.07 12.11
CA ASN A 355 3.64 -18.15 11.49
C ASN A 355 3.44 -17.00 10.50
N ASP A 356 4.54 -16.43 10.00
CA ASP A 356 4.46 -15.30 9.08
C ASP A 356 3.93 -15.71 7.70
N TRP A 357 3.63 -17.00 7.53
CA TRP A 357 3.14 -17.51 6.26
C TRP A 357 1.60 -17.60 6.24
N VAL A 358 1.01 -17.64 7.43
CA VAL A 358 -0.44 -17.79 7.57
C VAL A 358 -1.22 -16.88 6.62
N GLY A 359 -2.14 -17.50 5.87
CA GLY A 359 -2.98 -16.78 4.93
C GLY A 359 -4.14 -16.08 5.62
N PRO A 360 -5.05 -15.47 4.84
CA PRO A 360 -6.22 -14.75 5.38
C PRO A 360 -7.19 -15.63 6.16
N PRO A 361 -8.04 -15.01 7.00
CA PRO A 361 -9.01 -15.76 7.79
C PRO A 361 -9.75 -16.69 6.83
N ASN A 362 -9.92 -17.95 7.21
CA ASN A 362 -10.56 -18.89 6.31
C ASN A 362 -11.17 -20.08 7.04
N ASN A 363 -12.05 -20.75 6.31
CA ASN A 363 -12.72 -21.97 6.73
C ASN A 363 -12.36 -23.07 5.75
N ASN A 364 -11.49 -23.98 6.14
CA ASN A 364 -11.09 -25.07 5.24
C ASN A 364 -10.48 -24.52 3.94
N GLY A 365 -9.80 -23.38 4.03
CA GLY A 365 -9.19 -22.81 2.84
C GLY A 365 -10.01 -21.74 2.14
N VAL A 366 -11.28 -21.61 2.53
CA VAL A 366 -12.16 -20.62 1.93
C VAL A 366 -12.11 -19.31 2.71
N ILE A 367 -11.65 -18.24 2.07
CA ILE A 367 -11.54 -16.95 2.72
C ILE A 367 -12.86 -16.53 3.34
N LYS A 368 -12.80 -16.07 4.59
CA LYS A 368 -13.99 -15.63 5.31
C LYS A 368 -14.44 -14.26 4.84
N GLU A 369 -15.75 -14.02 4.89
CA GLU A 369 -16.27 -12.73 4.49
C GLU A 369 -15.93 -11.69 5.54
N VAL A 370 -15.92 -10.43 5.12
CA VAL A 370 -15.64 -9.36 6.07
C VAL A 370 -16.94 -8.91 6.72
N THR A 371 -17.10 -9.22 7.99
CA THR A 371 -18.29 -8.83 8.72
C THR A 371 -18.09 -7.48 9.40
N ILE A 372 -19.15 -6.68 9.47
CA ILE A 372 -19.07 -5.36 10.09
C ILE A 372 -19.80 -5.33 11.42
N ASN A 373 -19.08 -4.95 12.47
CA ASN A 373 -19.65 -4.86 13.80
C ASN A 373 -20.44 -3.58 13.96
N PRO A 374 -21.38 -3.54 14.92
CA PRO A 374 -22.18 -2.34 15.14
C PRO A 374 -21.38 -1.06 15.35
N ASP A 375 -20.15 -1.19 15.86
CA ASP A 375 -19.30 -0.03 16.10
C ASP A 375 -18.48 0.33 14.86
N THR A 376 -18.81 -0.30 13.73
CA THR A 376 -18.18 -0.08 12.43
C THR A 376 -16.82 -0.79 12.31
N THR A 377 -16.41 -1.52 13.34
CA THR A 377 -15.14 -2.25 13.22
C THR A 377 -15.41 -3.55 12.47
N CYS A 378 -14.38 -4.34 12.21
CA CYS A 378 -14.58 -5.58 11.46
C CYS A 378 -14.42 -6.81 12.34
N GLY A 379 -15.06 -7.90 11.91
CA GLY A 379 -14.97 -9.16 12.62
C GLY A 379 -14.28 -10.17 11.74
N ASN A 380 -14.34 -11.44 12.11
CA ASN A 380 -13.75 -12.53 11.34
C ASN A 380 -12.23 -12.40 11.21
N ASP A 381 -11.63 -11.72 12.18
CA ASP A 381 -10.18 -11.55 12.24
C ASP A 381 -9.62 -10.54 11.24
N TRP A 382 -10.50 -9.77 10.61
CA TRP A 382 -10.02 -8.71 9.71
C TRP A 382 -9.75 -7.48 10.56
N VAL A 383 -8.54 -6.93 10.48
CA VAL A 383 -8.19 -5.78 11.30
C VAL A 383 -8.90 -4.49 10.87
N CYS A 384 -8.99 -4.28 9.56
CA CYS A 384 -9.65 -3.10 9.01
C CYS A 384 -9.10 -1.79 9.61
N GLU A 385 -7.80 -1.58 9.49
CA GLU A 385 -7.18 -0.36 10.01
C GLU A 385 -7.80 0.88 9.37
N HIS A 386 -8.21 0.74 8.12
CA HIS A 386 -8.80 1.87 7.40
C HIS A 386 -10.12 2.31 8.01
N ARG A 387 -10.66 1.49 8.90
CA ARG A 387 -11.92 1.81 9.56
C ARG A 387 -11.69 2.38 10.95
N TRP A 388 -10.44 2.38 11.40
CA TRP A 388 -10.13 2.96 12.70
C TRP A 388 -10.39 4.47 12.63
N ARG A 389 -11.14 5.00 13.58
CA ARG A 389 -11.48 6.42 13.57
C ARG A 389 -10.24 7.31 13.33
N GLN A 390 -9.16 7.01 14.04
CA GLN A 390 -7.92 7.81 13.94
C GLN A 390 -7.31 7.76 12.55
N ILE A 391 -7.49 6.65 11.84
CA ILE A 391 -6.91 6.54 10.51
C ILE A 391 -7.88 7.06 9.46
N ARG A 392 -9.14 6.64 9.55
CA ARG A 392 -10.16 7.08 8.61
C ARG A 392 -10.25 8.62 8.60
N ASN A 393 -10.25 9.22 9.78
CA ASN A 393 -10.36 10.67 9.87
C ASN A 393 -9.13 11.38 9.31
N MET A 394 -7.99 10.71 9.32
CA MET A 394 -6.78 11.32 8.77
C MET A 394 -6.78 11.18 7.24
N VAL A 395 -7.44 10.15 6.75
CA VAL A 395 -7.60 9.97 5.33
C VAL A 395 -8.42 11.15 4.78
N ILE A 396 -9.41 11.55 5.59
CA ILE A 396 -10.26 12.68 5.23
C ILE A 396 -9.49 13.99 5.40
N PHE A 397 -8.65 14.05 6.43
CA PHE A 397 -7.82 15.23 6.68
C PHE A 397 -6.99 15.54 5.45
N ARG A 398 -6.37 14.51 4.88
CA ARG A 398 -5.53 14.67 3.71
C ARG A 398 -6.33 15.24 2.53
N ASN A 399 -7.57 14.78 2.39
CA ASN A 399 -8.46 15.26 1.33
C ASN A 399 -8.76 16.74 1.51
N VAL A 400 -9.12 17.11 2.74
CA VAL A 400 -9.50 18.47 3.07
C VAL A 400 -8.35 19.46 2.86
N VAL A 401 -7.11 19.05 3.12
CA VAL A 401 -5.98 19.97 2.99
C VAL A 401 -5.21 19.81 1.68
N ASP A 402 -5.72 18.97 0.78
CA ASP A 402 -5.09 18.73 -0.51
C ASP A 402 -4.66 20.04 -1.17
N GLY A 403 -3.39 20.12 -1.56
CA GLY A 403 -2.89 21.32 -2.21
C GLY A 403 -2.28 22.37 -1.30
N GLN A 404 -2.67 22.35 -0.02
CA GLN A 404 -2.15 23.32 0.94
C GLN A 404 -0.69 23.04 1.27
N PRO A 405 0.10 24.10 1.47
CA PRO A 405 1.52 23.92 1.78
C PRO A 405 1.87 23.56 3.23
N PHE A 406 3.04 22.95 3.37
CA PHE A 406 3.58 22.59 4.67
C PHE A 406 4.08 23.86 5.35
N THR A 407 3.47 24.23 6.48
CA THR A 407 3.88 25.46 7.14
C THR A 407 3.63 25.41 8.65
N ASN A 408 4.03 26.49 9.31
CA ASN A 408 3.85 26.64 10.75
C ASN A 408 4.39 25.45 11.52
N TRP A 409 5.57 25.00 11.15
CA TRP A 409 6.21 23.87 11.83
C TRP A 409 6.70 24.28 13.22
N TYR A 410 6.57 23.37 14.17
CA TYR A 410 7.04 23.61 15.53
C TYR A 410 7.61 22.34 16.12
N ASP A 411 8.62 22.47 16.97
CA ASP A 411 9.20 21.33 17.65
C ASP A 411 9.91 21.77 18.91
N ASN A 412 9.96 20.88 19.90
CA ASN A 412 10.60 21.19 21.18
C ASN A 412 12.03 20.65 21.24
N GLY A 413 12.60 20.37 20.07
CA GLY A 413 13.95 19.84 20.02
C GLY A 413 13.99 18.38 20.43
N SER A 414 12.83 17.81 20.69
CA SER A 414 12.76 16.41 21.08
C SER A 414 11.74 15.65 20.24
N ASN A 415 10.65 15.21 20.86
CA ASN A 415 9.64 14.43 20.14
C ASN A 415 8.27 15.08 20.16
N GLN A 416 8.23 16.38 20.44
CA GLN A 416 6.98 17.12 20.41
C GLN A 416 7.01 18.09 19.24
N VAL A 417 6.21 17.80 18.22
CA VAL A 417 6.19 18.63 17.03
C VAL A 417 4.78 18.90 16.54
N ALA A 418 4.69 19.83 15.60
CA ALA A 418 3.40 20.20 15.03
C ALA A 418 3.60 20.97 13.75
N PHE A 419 2.59 20.93 12.88
CA PHE A 419 2.66 21.66 11.63
C PHE A 419 1.29 21.80 11.02
N GLY A 420 1.18 22.70 10.06
CA GLY A 420 -0.10 22.88 9.42
C GLY A 420 -0.02 22.75 7.93
N ARG A 421 -1.18 22.70 7.32
CA ARG A 421 -1.29 22.64 5.88
C ARG A 421 -2.07 23.84 5.40
N GLY A 422 -1.35 24.89 5.02
CA GLY A 422 -1.98 26.12 4.57
C GLY A 422 -2.88 26.58 5.71
N ASN A 423 -4.10 26.98 5.37
CA ASN A 423 -5.05 27.42 6.39
C ASN A 423 -6.21 26.44 6.49
N ARG A 424 -5.96 25.19 6.08
CA ARG A 424 -7.02 24.18 6.08
C ARG A 424 -6.82 23.10 7.14
N GLY A 425 -5.62 22.99 7.71
CA GLY A 425 -5.41 21.97 8.71
C GLY A 425 -4.18 22.15 9.58
N PHE A 426 -4.21 21.52 10.75
CA PHE A 426 -3.12 21.58 11.70
C PHE A 426 -3.04 20.28 12.51
N ILE A 427 -1.83 19.80 12.76
CA ILE A 427 -1.66 18.56 13.51
C ILE A 427 -0.56 18.70 14.55
N VAL A 428 -0.77 18.11 15.72
CA VAL A 428 0.18 18.19 16.82
C VAL A 428 0.50 16.80 17.37
N PHE A 429 1.79 16.52 17.57
CA PHE A 429 2.22 15.21 18.06
C PHE A 429 3.06 15.32 19.33
N ASN A 430 2.84 14.37 20.24
CA ASN A 430 3.62 14.27 21.46
C ASN A 430 4.17 12.86 21.63
N ASN A 431 5.40 12.64 21.20
CA ASN A 431 6.00 11.32 21.36
C ASN A 431 7.11 11.36 22.40
N ASP A 432 7.00 12.30 23.33
CA ASP A 432 7.97 12.42 24.42
C ASP A 432 7.40 11.77 25.68
N ASP A 433 8.26 11.50 26.66
CA ASP A 433 7.82 10.85 27.89
C ASP A 433 7.24 11.84 28.89
N TRP A 434 6.80 13.00 28.42
CA TRP A 434 6.18 14.00 29.28
C TRP A 434 5.06 14.72 28.55
N SER A 435 4.20 15.41 29.30
CA SER A 435 3.06 16.10 28.71
C SER A 435 3.45 17.28 27.84
N PHE A 436 2.59 17.58 26.88
CA PHE A 436 2.78 18.70 25.98
C PHE A 436 1.63 19.70 26.13
N SER A 437 1.95 20.86 26.70
CA SER A 437 0.95 21.91 26.90
C SER A 437 1.50 23.23 26.43
N LEU A 438 1.02 23.71 25.29
CA LEU A 438 1.55 24.96 24.75
C LEU A 438 0.62 25.58 23.73
N THR A 439 0.73 26.89 23.58
CA THR A 439 -0.06 27.63 22.59
C THR A 439 0.74 27.75 21.30
N LEU A 440 0.17 27.27 20.21
CA LEU A 440 0.87 27.29 18.93
C LEU A 440 0.08 28.03 17.85
N GLN A 441 0.81 28.51 16.84
CA GLN A 441 0.19 29.17 15.70
C GLN A 441 -0.32 28.11 14.74
N THR A 442 -1.63 28.08 14.50
CA THR A 442 -2.22 27.07 13.64
C THR A 442 -2.40 27.53 12.20
N GLY A 443 -2.41 28.84 11.98
CA GLY A 443 -2.62 29.35 10.63
C GLY A 443 -4.04 29.11 10.16
N LEU A 444 -4.91 28.73 11.10
CA LEU A 444 -6.31 28.45 10.81
C LEU A 444 -7.20 29.62 11.23
N PRO A 445 -8.36 29.80 10.56
CA PRO A 445 -9.24 30.89 10.94
C PRO A 445 -9.84 30.67 12.33
N ALA A 446 -10.12 31.74 13.04
CA ALA A 446 -10.68 31.65 14.39
C ALA A 446 -11.90 30.73 14.44
N GLY A 447 -12.10 30.10 15.59
CA GLY A 447 -13.23 29.21 15.76
C GLY A 447 -12.97 28.02 16.64
N THR A 448 -13.98 27.15 16.76
CA THR A 448 -13.88 25.94 17.56
C THR A 448 -13.78 24.72 16.65
N TYR A 449 -12.70 23.97 16.78
CA TYR A 449 -12.48 22.80 15.94
C TYR A 449 -12.50 21.50 16.72
N CYS A 450 -13.09 20.48 16.12
CA CYS A 450 -13.13 19.17 16.72
C CYS A 450 -11.86 18.39 16.42
N ASP A 451 -11.25 17.80 17.43
CA ASP A 451 -10.09 16.95 17.21
C ASP A 451 -10.59 15.65 16.56
N VAL A 452 -10.13 15.34 15.35
CA VAL A 452 -10.61 14.16 14.66
C VAL A 452 -9.90 12.87 15.06
N ILE A 453 -8.96 12.98 15.99
CA ILE A 453 -8.26 11.78 16.47
C ILE A 453 -9.01 11.18 17.66
N SER A 454 -9.29 12.02 18.66
CA SER A 454 -9.99 11.58 19.86
C SER A 454 -11.50 11.48 19.62
N GLY A 455 -11.99 12.15 18.60
CA GLY A 455 -13.42 12.10 18.33
C GLY A 455 -13.83 12.42 16.92
N ASP A 456 -15.06 12.93 16.79
CA ASP A 456 -15.62 13.28 15.49
C ASP A 456 -16.51 14.50 15.60
N LYS A 457 -16.79 15.11 14.46
CA LYS A 457 -17.72 16.22 14.42
C LYS A 457 -19.08 15.67 14.02
N ILE A 458 -20.01 15.65 14.96
CA ILE A 458 -21.34 15.13 14.68
C ILE A 458 -22.41 16.14 15.03
N ASN A 459 -23.23 16.47 14.04
CA ASN A 459 -24.31 17.46 14.16
C ASN A 459 -23.91 18.65 15.01
N GLY A 460 -22.98 19.45 14.49
CA GLY A 460 -22.53 20.64 15.18
C GLY A 460 -21.92 20.48 16.55
N ASN A 461 -21.40 19.30 16.85
CA ASN A 461 -20.78 19.04 18.16
C ASN A 461 -19.60 18.09 18.05
N CYS A 462 -18.64 18.24 18.95
CA CYS A 462 -17.46 17.38 18.97
C CYS A 462 -17.64 16.26 20.00
N THR A 463 -17.29 15.04 19.63
CA THR A 463 -17.43 13.92 20.55
C THR A 463 -16.17 13.73 21.39
N GLY A 464 -15.10 14.38 20.98
CA GLY A 464 -13.85 14.28 21.70
C GLY A 464 -13.29 15.64 22.09
N ILE A 465 -11.97 15.77 22.02
CA ILE A 465 -11.30 17.02 22.36
C ILE A 465 -11.73 18.16 21.46
N LYS A 466 -11.80 19.35 22.03
CA LYS A 466 -12.16 20.57 21.31
C LYS A 466 -11.01 21.56 21.36
N ILE A 467 -10.72 22.17 20.22
CA ILE A 467 -9.65 23.15 20.13
C ILE A 467 -10.20 24.53 19.77
N TYR A 468 -9.71 25.55 20.47
CA TYR A 468 -10.16 26.92 20.23
C TYR A 468 -9.05 27.79 19.63
N VAL A 469 -9.26 28.21 18.38
CA VAL A 469 -8.31 29.06 17.67
C VAL A 469 -8.71 30.53 17.80
N SER A 470 -7.76 31.36 18.24
CA SER A 470 -8.02 32.79 18.43
C SER A 470 -7.94 33.57 17.12
N ASP A 471 -8.18 34.88 17.20
CA ASP A 471 -8.17 35.75 16.03
C ASP A 471 -6.78 35.80 15.38
N ASP A 472 -5.75 35.52 16.16
CA ASP A 472 -4.38 35.55 15.65
C ASP A 472 -3.94 34.19 15.14
N GLY A 473 -4.87 33.24 15.09
CA GLY A 473 -4.55 31.90 14.60
C GLY A 473 -3.96 30.98 15.64
N LYS A 474 -3.64 31.52 16.81
CA LYS A 474 -3.05 30.72 17.88
C LYS A 474 -4.11 29.85 18.58
N ALA A 475 -3.68 28.73 19.12
CA ALA A 475 -4.56 27.83 19.83
C ALA A 475 -3.79 27.01 20.85
N HIS A 476 -4.42 26.71 21.98
CA HIS A 476 -3.75 25.93 23.01
C HIS A 476 -3.97 24.44 22.80
N PHE A 477 -2.86 23.70 22.87
CA PHE A 477 -2.91 22.25 22.72
C PHE A 477 -2.33 21.57 23.95
N SER A 478 -3.04 20.57 24.46
CA SER A 478 -2.59 19.84 25.63
C SER A 478 -2.67 18.35 25.38
N ILE A 479 -1.52 17.68 25.36
CA ILE A 479 -1.47 16.25 25.11
C ILE A 479 -0.58 15.54 26.13
N SER A 480 -1.19 14.71 26.97
CA SER A 480 -0.41 13.96 27.95
C SER A 480 0.24 12.76 27.26
N ASN A 481 1.42 12.37 27.72
CA ASN A 481 2.10 11.23 27.13
C ASN A 481 1.38 9.93 27.46
N SER A 482 0.33 10.03 28.27
CA SER A 482 -0.45 8.87 28.68
C SER A 482 -1.76 8.78 27.89
N ALA A 483 -2.01 9.75 27.02
CA ALA A 483 -3.24 9.77 26.23
C ALA A 483 -3.34 8.55 25.32
N GLU A 484 -4.56 8.06 25.10
CA GLU A 484 -4.79 6.91 24.23
C GLU A 484 -4.08 7.14 22.89
N ASP A 485 -4.27 8.33 22.35
CA ASP A 485 -3.64 8.77 21.11
C ASP A 485 -2.92 10.09 21.37
N PRO A 486 -1.59 10.05 21.49
CA PRO A 486 -0.81 11.27 21.75
C PRO A 486 -0.66 12.28 20.62
N PHE A 487 -1.71 12.47 19.85
CA PHE A 487 -1.69 13.46 18.78
C PHE A 487 -3.09 14.00 18.50
N ILE A 488 -3.14 15.27 18.13
CA ILE A 488 -4.40 15.96 17.84
C ILE A 488 -4.40 16.52 16.42
N ALA A 489 -5.52 16.37 15.72
CA ALA A 489 -5.62 16.87 14.35
C ALA A 489 -6.96 17.57 14.13
N ILE A 490 -6.90 18.76 13.54
CA ILE A 490 -8.09 19.54 13.26
C ILE A 490 -8.00 20.14 11.85
N HIS A 491 -9.13 20.24 11.17
CA HIS A 491 -9.12 20.79 9.82
C HIS A 491 -10.36 21.61 9.53
N ALA A 492 -10.37 22.24 8.36
CA ALA A 492 -11.47 23.10 7.92
C ALA A 492 -12.83 22.44 8.07
N GLU A 493 -12.93 21.15 7.79
CA GLU A 493 -14.22 20.46 7.87
C GLU A 493 -14.52 19.94 9.28
N SER A 494 -13.62 20.15 10.23
CA SER A 494 -13.89 19.71 11.59
C SER A 494 -14.27 20.92 12.46
N LYS A 495 -14.40 22.06 11.80
CA LYS A 495 -14.77 23.30 12.46
C LYS A 495 -16.26 23.34 12.75
N LEU A 496 -16.63 23.80 13.94
CA LEU A 496 -18.04 23.87 14.32
C LEU A 496 -18.73 25.05 13.66
#